data_2VF3
#
_entry.id   2VF3
#
_cell.length_a   137.318
_cell.length_b   137.318
_cell.length_c   137.318
_cell.angle_alpha   90.00
_cell.angle_beta   90.00
_cell.angle_gamma   90.00
#
_symmetry.space_group_name_H-M   'P 21 3'
#
loop_
_entity.id
_entity.type
_entity.pdbx_description
1 polymer '4-DIPHOSPHOCYTIDYL-2C-METHYL-D-ERYTHRITOL KINASE'
2 non-polymer 'ethyl {3-[4-amino-5-{3-[(cyclopropylsulfonyl)amino]prop-1-yn-1-yl}-2-oxopyrimidin-1(2H)-yl]oxetan-3-yl}acetate'
3 non-polymer 'PYROPHOSPHATE 2-'
4 non-polymer 'CHLORIDE ION'
5 non-polymer 'BROMIDE ION'
6 water water
#
_entity_poly.entity_id   1
_entity_poly.type   'polypeptide(L)'
_entity_poly.pdbx_seq_one_letter_code
;GSHMIKVLSPAKINLGLWVLGRLPSGYHEILTLYQEIPFYDEIYIREGVLRVETNIGIPQEENLVYKGLREFERITGIEI
NYSIFIQKNIPPGAGLGGGSSNLAVVLKKVNELLGSPLSEEELRELVGSISADAPFFLLGKSAIGRGKGEVLEPVETEIS
GKITLVIPQVSSSTGRVYSSLREEHFVTPEYAEEKIQRIISGEVEEIENVLGDIARELYPEINEVYRFVEYLGFKPFVSG
SGSTVYFFGGASEELKKAAKMRGWKVVELEL
;
_entity_poly.pdbx_strand_id   A,B
#
# COMPACT_ATOMS: atom_id res chain seq x y z
N HIS A 3 -8.77 42.54 30.10
CA HIS A 3 -7.57 42.40 29.21
C HIS A 3 -7.72 41.20 28.26
N MET A 4 -8.89 41.10 27.63
CA MET A 4 -9.23 39.95 26.80
C MET A 4 -8.35 39.80 25.55
N ILE A 5 -7.91 38.57 25.33
CA ILE A 5 -7.18 38.21 24.14
C ILE A 5 -7.89 37.10 23.34
N LYS A 6 -7.55 37.00 22.06
CA LYS A 6 -8.02 35.90 21.24
C LYS A 6 -6.86 35.01 20.80
N VAL A 7 -7.04 33.70 20.92
CA VAL A 7 -6.14 32.70 20.34
C VAL A 7 -6.87 31.68 19.44
N LEU A 8 -6.29 31.40 18.29
CA LEU A 8 -6.82 30.37 17.38
C LEU A 8 -6.34 28.99 17.81
N SER A 9 -7.19 28.00 17.63
CA SER A 9 -6.91 26.63 18.04
C SER A 9 -7.17 25.73 16.81
N PRO A 10 -6.09 25.27 16.14
CA PRO A 10 -6.24 24.56 14.84
C PRO A 10 -6.75 23.12 14.99
N ALA A 11 -7.34 22.58 13.95
CA ALA A 11 -7.67 21.15 13.89
C ALA A 11 -6.46 20.33 13.35
N LYS A 12 -6.57 19.00 13.42
CA LYS A 12 -5.68 18.09 12.67
C LYS A 12 -6.52 17.16 11.79
N ILE A 13 -5.86 16.56 10.80
CA ILE A 13 -6.36 15.33 10.19
C ILE A 13 -5.30 14.23 10.33
N ASN A 14 -5.75 13.00 10.37
CA ASN A 14 -4.84 11.87 10.24
C ASN A 14 -4.73 11.54 8.77
N LEU A 15 -3.53 11.74 8.22
CA LEU A 15 -3.19 11.31 6.89
C LEU A 15 -2.70 9.88 6.96
N GLY A 16 -3.56 8.99 7.40
CA GLY A 16 -3.23 7.61 7.51
C GLY A 16 -3.09 7.19 8.93
N LEU A 17 -3.58 6.00 9.23
CA LEU A 17 -3.50 5.42 10.56
C LEU A 17 -3.43 3.93 10.49
N TRP A 18 -2.57 3.37 11.34
CA TRP A 18 -2.39 1.93 11.46
C TRP A 18 -2.42 1.53 12.94
N VAL A 19 -3.03 0.39 13.24
CA VAL A 19 -3.08 -0.09 14.61
C VAL A 19 -2.13 -1.30 14.67
N LEU A 20 -1.15 -1.24 15.57
CA LEU A 20 -0.16 -2.32 15.69
C LEU A 20 -0.64 -3.44 16.64
N GLY A 21 -1.38 -3.02 17.67
CA GLY A 21 -1.92 -3.95 18.64
C GLY A 21 -2.46 -3.29 19.89
N ARG A 22 -2.88 -4.13 20.82
CA ARG A 22 -3.43 -3.71 22.11
C ARG A 22 -2.31 -3.51 23.13
N LEU A 23 -2.38 -2.45 23.92
CA LEU A 23 -1.51 -2.28 25.09
C LEU A 23 -2.29 -2.61 26.37
N PRO A 24 -1.62 -3.21 27.39
CA PRO A 24 -2.35 -3.63 28.59
C PRO A 24 -3.36 -2.59 29.09
N SER A 25 -2.92 -1.32 29.10
CA SER A 25 -3.65 -0.19 29.69
C SER A 25 -4.96 0.23 29.00
N GLY A 26 -5.52 -0.61 28.12
CA GLY A 26 -6.77 -0.24 27.43
C GLY A 26 -7.09 -0.91 26.09
N TYR A 27 -6.32 -0.67 25.03
CA TYR A 27 -5.57 0.56 24.71
C TYR A 27 -4.67 0.04 23.59
N HIS A 28 -4.24 0.92 22.69
CA HIS A 28 -3.71 0.46 21.41
C HIS A 28 -2.48 1.22 20.98
N GLU A 29 -1.47 0.48 20.55
CA GLU A 29 -0.31 1.10 19.91
C GLU A 29 -0.63 1.39 18.45
N ILE A 30 -0.27 2.57 17.99
CA ILE A 30 -0.67 2.99 16.66
C ILE A 30 0.52 3.63 15.97
N LEU A 31 0.36 3.79 14.66
CA LEU A 31 1.22 4.66 13.87
CA LEU A 31 1.22 4.64 13.87
C LEU A 31 0.32 5.57 13.04
N THR A 32 0.63 6.87 13.03
CA THR A 32 -0.18 7.83 12.29
C THR A 32 0.63 9.02 11.85
N LEU A 33 0.22 9.64 10.73
CA LEU A 33 0.73 10.94 10.35
C LEU A 33 -0.32 12.05 10.59
N TYR A 34 0.05 12.95 11.53
CA TYR A 34 -0.72 14.16 11.90
C TYR A 34 -0.45 15.30 10.97
N GLN A 35 -1.51 15.95 10.52
CA GLN A 35 -1.37 17.18 9.78
C GLN A 35 -2.29 18.25 10.36
N GLU A 36 -1.68 19.35 10.74
CA GLU A 36 -2.40 20.54 11.15
C GLU A 36 -3.08 21.16 9.94
N ILE A 37 -4.32 21.60 10.15
CA ILE A 37 -5.09 22.20 9.08
C ILE A 37 -5.58 23.59 9.51
N PRO A 38 -5.68 24.53 8.55
CA PRO A 38 -6.09 25.92 8.86
C PRO A 38 -7.63 26.04 9.10
N PHE A 39 -8.08 25.35 10.13
CA PHE A 39 -9.47 25.24 10.52
C PHE A 39 -9.43 25.38 12.03
N TYR A 40 -10.08 26.43 12.54
CA TYR A 40 -9.85 26.92 13.91
C TYR A 40 -11.10 27.14 14.73
N ASP A 41 -11.05 26.73 15.99
CA ASP A 41 -11.89 27.29 17.02
C ASP A 41 -11.29 28.64 17.43
N GLU A 42 -12.14 29.62 17.69
CA GLU A 42 -11.60 30.84 18.29
C GLU A 42 -11.81 30.91 19.82
N ILE A 43 -10.71 31.21 20.51
CA ILE A 43 -10.69 31.18 21.98
C ILE A 43 -10.39 32.57 22.57
N TYR A 44 -11.37 33.10 23.30
CA TYR A 44 -11.27 34.39 23.94
C TYR A 44 -10.97 34.14 25.40
N ILE A 45 -9.85 34.72 25.82
CA ILE A 45 -9.33 34.55 27.17
C ILE A 45 -9.36 35.94 27.79
N ARG A 46 -9.99 36.02 28.97
CA ARG A 46 -10.24 37.27 29.69
C ARG A 46 -9.87 37.05 31.16
N GLU A 47 -9.37 38.11 31.80
CA GLU A 47 -9.10 38.08 33.23
C GLU A 47 -10.42 38.09 34.01
N GLY A 48 -10.60 37.08 34.86
CA GLY A 48 -11.85 36.88 35.58
C GLY A 48 -11.77 35.60 36.38
N VAL A 49 -12.90 35.11 36.86
CA VAL A 49 -12.92 33.89 37.67
C VAL A 49 -12.91 32.65 36.78
N LEU A 50 -12.10 31.65 37.15
CA LEU A 50 -11.95 30.44 36.34
C LEU A 50 -13.30 29.97 35.80
N ARG A 51 -13.38 29.88 34.47
CA ARG A 51 -14.60 29.52 33.76
C ARG A 51 -14.23 29.08 32.34
N VAL A 52 -14.75 27.92 31.94
CA VAL A 52 -14.61 27.47 30.56
C VAL A 52 -15.98 27.19 29.93
N GLU A 53 -16.36 28.08 29.02
CA GLU A 53 -17.62 28.00 28.28
CA GLU A 53 -17.61 27.92 28.28
C GLU A 53 -17.38 27.82 26.77
N THR A 54 -18.31 27.12 26.11
CA THR A 54 -18.39 27.01 24.65
C THR A 54 -19.73 27.53 24.17
N ASN A 55 -19.84 27.74 22.86
CA ASN A 55 -21.10 28.09 22.22
C ASN A 55 -21.97 26.87 21.88
N ILE A 56 -21.57 25.67 22.34
CA ILE A 56 -22.25 24.44 21.94
C ILE A 56 -22.61 23.53 23.12
N GLY A 57 -22.57 24.08 24.33
CA GLY A 57 -23.16 23.43 25.49
C GLY A 57 -22.41 22.29 26.17
N ILE A 58 -21.10 22.22 25.94
CA ILE A 58 -20.25 21.30 26.69
C ILE A 58 -20.26 21.80 28.14
N PRO A 59 -20.63 20.91 29.09
CA PRO A 59 -20.52 21.29 30.50
C PRO A 59 -19.06 21.50 30.92
N GLN A 60 -18.84 22.47 31.79
CA GLN A 60 -17.51 22.84 32.29
C GLN A 60 -16.72 21.64 32.83
N GLU A 61 -17.37 20.84 33.68
CA GLU A 61 -16.74 19.65 34.27
C GLU A 61 -16.23 18.64 33.23
N GLU A 62 -16.92 18.55 32.09
CA GLU A 62 -16.50 17.63 31.02
C GLU A 62 -15.37 18.20 30.16
N ASN A 63 -15.19 19.53 30.19
CA ASN A 63 -14.28 20.20 29.27
C ASN A 63 -12.82 19.95 29.57
N LEU A 64 -12.11 19.36 28.59
CA LEU A 64 -10.66 19.11 28.68
C LEU A 64 -9.85 20.33 29.11
N VAL A 65 -10.24 21.50 28.61
CA VAL A 65 -9.56 22.75 28.93
C VAL A 65 -9.75 23.08 30.40
N TYR A 66 -10.93 22.76 30.94
CA TYR A 66 -11.20 23.04 32.35
C TYR A 66 -10.47 22.06 33.27
N LYS A 67 -10.59 20.76 32.98
CA LYS A 67 -9.76 19.75 33.59
C LYS A 67 -8.29 20.21 33.59
N GLY A 68 -7.74 20.42 32.40
CA GLY A 68 -6.37 20.93 32.24
C GLY A 68 -5.98 22.08 33.14
N LEU A 69 -6.87 23.07 33.26
CA LEU A 69 -6.59 24.26 34.09
C LEU A 69 -6.71 24.01 35.59
N ARG A 70 -7.55 23.05 35.99
CA ARG A 70 -7.65 22.62 37.39
C ARG A 70 -6.39 21.84 37.80
N GLU A 71 -5.92 21.00 36.88
CA GLU A 71 -4.67 20.27 37.06
C GLU A 71 -3.47 21.20 37.10
N PHE A 72 -3.46 22.21 36.22
CA PHE A 72 -2.48 23.29 36.31
C PHE A 72 -2.42 23.82 37.75
N GLU A 73 -3.58 24.12 38.34
CA GLU A 73 -3.67 24.61 39.73
C GLU A 73 -3.01 23.63 40.71
N ARG A 74 -3.39 22.35 40.64
CA ARG A 74 -2.80 21.27 41.44
C ARG A 74 -1.27 21.25 41.35
N ILE A 75 -0.74 20.94 40.17
CA ILE A 75 0.69 20.77 39.93
C ILE A 75 1.53 22.04 40.15
N THR A 76 0.91 23.21 40.12
CA THR A 76 1.66 24.47 40.16
C THR A 76 1.48 25.28 41.45
N GLY A 77 0.38 25.02 42.17
CA GLY A 77 0.03 25.81 43.35
C GLY A 77 -0.24 27.29 43.07
N ILE A 78 -0.53 27.62 41.81
CA ILE A 78 -0.95 28.96 41.44
C ILE A 78 -2.45 28.90 41.13
N GLU A 79 -3.18 29.93 41.54
CA GLU A 79 -4.61 29.99 41.30
C GLU A 79 -4.93 30.79 40.02
N ILE A 80 -5.58 30.12 39.07
CA ILE A 80 -5.77 30.69 37.73
C ILE A 80 -7.02 31.53 37.65
N ASN A 81 -6.84 32.78 37.22
CA ASN A 81 -7.93 33.73 37.15
C ASN A 81 -8.26 34.12 35.72
N TYR A 82 -8.71 33.12 34.96
CA TYR A 82 -9.02 33.34 33.56
C TYR A 82 -10.40 32.81 33.18
N SER A 83 -11.18 33.69 32.57
CA SER A 83 -12.48 33.32 32.04
C SER A 83 -12.33 33.01 30.52
N ILE A 84 -12.62 31.75 30.17
CA ILE A 84 -12.42 31.21 28.80
C ILE A 84 -13.72 31.00 28.03
N PHE A 85 -13.84 31.64 26.87
CA PHE A 85 -14.92 31.28 25.95
C PHE A 85 -14.38 30.77 24.61
N ILE A 86 -14.84 29.58 24.22
CA ILE A 86 -14.42 28.91 22.97
C ILE A 86 -15.59 28.81 22.01
N GLN A 87 -15.42 29.46 20.86
CA GLN A 87 -16.33 29.34 19.74
C GLN A 87 -15.87 28.12 18.95
N LYS A 88 -16.66 27.06 19.04
CA LYS A 88 -16.36 25.76 18.44
C LYS A 88 -16.76 25.63 16.97
N ASN A 89 -15.84 25.96 16.06
CA ASN A 89 -16.06 25.63 14.64
C ASN A 89 -15.72 24.16 14.33
N ILE A 90 -14.83 23.57 15.14
CA ILE A 90 -14.39 22.18 14.97
C ILE A 90 -15.35 21.31 15.78
N PRO A 91 -16.19 20.52 15.09
CA PRO A 91 -17.20 19.74 15.79
C PRO A 91 -16.62 18.57 16.60
N PRO A 92 -17.07 18.42 17.86
CA PRO A 92 -16.68 17.26 18.69
C PRO A 92 -17.14 15.97 18.01
N GLY A 93 -16.29 14.94 18.00
CA GLY A 93 -16.60 13.69 17.31
C GLY A 93 -16.31 13.66 15.83
N ALA A 94 -15.67 14.70 15.31
CA ALA A 94 -15.36 14.80 13.88
C ALA A 94 -14.00 14.17 13.49
N GLY A 95 -13.23 13.77 14.49
CA GLY A 95 -11.93 13.12 14.33
C GLY A 95 -10.82 14.09 13.97
N LEU A 96 -10.97 15.34 14.43
CA LEU A 96 -10.11 16.47 14.03
C LEU A 96 -9.42 17.08 15.23
N GLY A 97 -9.57 16.43 16.37
CA GLY A 97 -8.84 16.78 17.59
C GLY A 97 -9.11 18.15 18.20
N GLY A 98 -10.30 18.70 17.94
CA GLY A 98 -10.70 20.04 18.46
C GLY A 98 -10.55 20.23 19.96
N GLY A 99 -11.04 19.29 20.76
CA GLY A 99 -10.90 19.35 22.22
C GLY A 99 -9.46 19.38 22.72
N SER A 100 -8.62 18.57 22.08
CA SER A 100 -7.22 18.37 22.42
C SER A 100 -6.43 19.59 22.03
N SER A 101 -6.78 20.14 20.88
CA SER A 101 -6.26 21.40 20.42
C SER A 101 -6.57 22.51 21.43
N ASN A 102 -7.84 22.58 21.87
CA ASN A 102 -8.27 23.63 22.78
C ASN A 102 -7.41 23.55 24.03
N LEU A 103 -7.32 22.34 24.62
CA LEU A 103 -6.51 22.03 25.81
C LEU A 103 -5.06 22.50 25.69
N ALA A 104 -4.39 22.05 24.64
CA ALA A 104 -2.99 22.41 24.38
C ALA A 104 -2.77 23.90 24.23
N VAL A 105 -3.57 24.57 23.38
CA VAL A 105 -3.29 25.99 23.12
C VAL A 105 -3.61 26.89 24.32
N VAL A 106 -4.62 26.52 25.10
CA VAL A 106 -5.07 27.33 26.22
C VAL A 106 -4.08 27.18 27.36
N LEU A 107 -3.68 25.94 27.61
CA LEU A 107 -2.67 25.66 28.62
C LEU A 107 -1.33 26.28 28.30
N LYS A 108 -0.88 26.19 27.04
CA LYS A 108 0.32 26.88 26.61
C LYS A 108 0.21 28.39 26.86
N LYS A 109 -0.93 28.97 26.47
CA LYS A 109 -1.12 30.42 26.65
C LYS A 109 -1.14 30.84 28.15
N VAL A 110 -2.00 30.21 28.93
CA VAL A 110 -2.11 30.52 30.35
C VAL A 110 -0.78 30.30 31.09
N ASN A 111 -0.01 29.28 30.68
CA ASN A 111 1.33 28.99 31.21
C ASN A 111 2.33 30.11 30.93
N GLU A 112 2.23 30.71 29.75
CA GLU A 112 2.99 31.92 29.42
C GLU A 112 2.50 33.13 30.22
N LEU A 113 1.19 33.40 30.17
CA LEU A 113 0.58 34.57 30.82
C LEU A 113 0.85 34.63 32.32
N LEU A 114 1.23 33.49 32.89
CA LEU A 114 1.59 33.37 34.30
C LEU A 114 3.10 33.15 34.53
N GLY A 115 3.94 33.70 33.62
CA GLY A 115 5.39 33.69 33.79
C GLY A 115 6.13 32.38 33.54
N SER A 116 5.45 31.41 32.93
CA SER A 116 6.02 30.09 32.55
C SER A 116 6.53 29.19 33.69
N PRO A 117 5.68 28.97 34.72
CA PRO A 117 6.00 28.01 35.79
C PRO A 117 6.38 26.64 35.28
N LEU A 118 5.54 26.06 34.43
CA LEU A 118 5.83 24.75 33.87
C LEU A 118 6.80 24.86 32.70
N SER A 119 7.57 23.80 32.47
CA SER A 119 8.52 23.76 31.35
CA SER A 119 8.52 23.77 31.35
C SER A 119 7.93 23.02 30.16
N GLU A 120 8.54 23.22 28.99
CA GLU A 120 8.10 22.56 27.76
C GLU A 120 7.75 21.09 27.95
N GLU A 121 8.61 20.37 28.67
CA GLU A 121 8.42 18.92 28.89
C GLU A 121 7.31 18.60 29.88
N GLU A 122 7.07 19.52 30.81
CA GLU A 122 6.04 19.37 31.82
C GLU A 122 4.67 19.68 31.21
N LEU A 123 4.58 20.84 30.58
CA LEU A 123 3.38 21.26 29.86
C LEU A 123 2.92 20.12 28.96
N ARG A 124 3.89 19.52 28.25
CA ARG A 124 3.64 18.41 27.35
C ARG A 124 3.13 17.17 28.08
N GLU A 125 3.76 16.82 29.21
CA GLU A 125 3.31 15.71 30.06
CA GLU A 125 3.32 15.72 30.07
C GLU A 125 1.91 15.98 30.64
N LEU A 126 1.66 17.21 31.07
CA LEU A 126 0.33 17.63 31.52
C LEU A 126 -0.76 17.42 30.43
N VAL A 127 -0.70 18.17 29.33
CA VAL A 127 -1.73 18.02 28.29
C VAL A 127 -1.81 16.57 27.76
N GLY A 128 -0.65 15.90 27.69
CA GLY A 128 -0.56 14.53 27.20
C GLY A 128 -1.29 13.53 28.07
N SER A 129 -1.33 13.82 29.38
CA SER A 129 -2.01 12.98 30.37
C SER A 129 -3.52 12.91 30.09
N ILE A 130 -4.04 14.00 29.56
CA ILE A 130 -5.47 14.15 29.30
C ILE A 130 -5.85 13.70 27.89
N SER A 131 -4.96 13.96 26.93
CA SER A 131 -5.25 13.62 25.55
C SER A 131 -4.00 13.22 24.73
N ALA A 132 -4.15 12.16 23.94
CA ALA A 132 -3.01 11.55 23.28
C ALA A 132 -2.62 11.96 21.84
N ASP A 133 -3.59 12.38 20.99
CA ASP A 133 -3.84 13.83 20.60
C ASP A 133 -3.12 15.04 21.18
N ALA A 134 -3.42 15.47 22.40
CA ALA A 134 -3.11 16.87 22.80
C ALA A 134 -1.69 17.44 22.58
N PRO A 135 -0.62 16.60 22.71
CA PRO A 135 0.68 17.23 22.56
C PRO A 135 1.11 17.48 21.10
N PHE A 136 0.47 16.81 20.13
CA PHE A 136 0.69 17.23 18.74
C PHE A 136 0.45 18.76 18.60
N PHE A 137 -0.46 19.30 19.41
CA PHE A 137 -0.87 20.69 19.20
C PHE A 137 0.10 21.70 19.83
N LEU A 138 1.03 21.20 20.65
CA LEU A 138 2.16 22.01 21.13
C LEU A 138 3.22 22.26 20.08
N LEU A 139 3.27 21.43 19.03
CA LEU A 139 4.16 21.69 17.88
C LEU A 139 3.45 22.09 16.58
N GLY A 140 2.36 21.39 16.25
CA GLY A 140 1.61 21.63 15.02
C GLY A 140 2.33 21.19 13.75
N LYS A 141 2.01 21.87 12.64
CA LYS A 141 2.55 21.55 11.31
C LYS A 141 2.30 20.05 10.96
N SER A 142 3.33 19.29 10.60
CA SER A 142 3.20 17.84 10.36
C SER A 142 4.15 17.03 11.29
N ALA A 143 3.62 15.98 11.92
CA ALA A 143 4.41 15.05 12.72
C ALA A 143 3.93 13.60 12.64
N ILE A 144 4.87 12.63 12.67
CA ILE A 144 4.48 11.22 12.90
C ILE A 144 4.17 10.94 14.37
N GLY A 145 3.08 10.25 14.62
CA GLY A 145 2.75 9.85 15.97
C GLY A 145 2.91 8.36 16.15
N ARG A 146 3.70 7.99 17.16
CA ARG A 146 3.93 6.61 17.49
C ARG A 146 3.59 6.48 18.95
N GLY A 147 3.72 5.26 19.46
CA GLY A 147 3.31 4.93 20.78
C GLY A 147 1.82 4.84 20.76
N LYS A 148 1.18 5.86 21.31
CA LYS A 148 -0.27 5.97 21.25
C LYS A 148 -0.62 7.28 20.58
N GLY A 149 0.38 7.94 20.02
CA GLY A 149 0.19 9.14 19.24
C GLY A 149 0.98 10.28 19.83
N GLU A 150 1.37 10.11 21.10
CA GLU A 150 2.12 11.10 21.88
C GLU A 150 3.61 11.21 21.54
N VAL A 151 4.19 10.14 20.98
CA VAL A 151 5.61 10.13 20.67
C VAL A 151 5.76 10.68 19.27
N LEU A 152 6.28 11.88 19.17
CA LEU A 152 6.12 12.67 17.98
C LEU A 152 7.42 12.94 17.23
N GLU A 153 7.37 12.83 15.91
CA GLU A 153 8.50 13.18 15.08
C GLU A 153 8.07 14.17 13.99
N PRO A 154 8.50 15.44 14.11
CA PRO A 154 8.18 16.42 13.10
C PRO A 154 8.74 16.01 11.74
N VAL A 155 7.94 16.18 10.70
CA VAL A 155 8.37 15.84 9.35
C VAL A 155 7.99 16.98 8.42
N GLU A 156 8.65 17.03 7.27
CA GLU A 156 8.27 17.91 6.19
C GLU A 156 7.63 17.04 5.12
N THR A 157 6.46 17.49 4.70
CA THR A 157 5.55 16.77 3.86
C THR A 157 5.63 17.34 2.44
N GLU A 158 5.39 16.53 1.42
CA GLU A 158 5.30 17.09 0.08
C GLU A 158 3.85 17.25 -0.36
N ILE A 159 2.93 17.34 0.61
CA ILE A 159 1.49 17.47 0.34
C ILE A 159 1.06 18.94 0.35
N SER A 160 0.35 19.38 -0.70
CA SER A 160 -0.18 20.73 -0.78
C SER A 160 -1.44 20.82 -1.68
N GLY A 161 -2.05 22.01 -1.71
CA GLY A 161 -3.20 22.27 -2.54
C GLY A 161 -4.51 22.11 -1.80
N LYS A 162 -5.60 22.05 -2.55
CA LYS A 162 -6.94 21.94 -1.96
C LYS A 162 -7.13 20.66 -1.16
N ILE A 163 -7.69 20.81 0.04
CA ILE A 163 -8.29 19.70 0.78
C ILE A 163 -9.70 20.10 1.23
N THR A 164 -10.66 19.20 1.07
CA THR A 164 -12.02 19.48 1.50
C THR A 164 -12.47 18.48 2.54
N LEU A 165 -13.09 18.99 3.59
CA LEU A 165 -13.64 18.18 4.67
C LEU A 165 -15.14 18.10 4.50
N VAL A 166 -15.68 16.90 4.73
CA VAL A 166 -17.12 16.69 4.71
C VAL A 166 -17.47 15.96 5.99
N ILE A 167 -18.08 16.71 6.90
CA ILE A 167 -18.32 16.22 8.24
C ILE A 167 -19.82 15.99 8.40
N PRO A 168 -20.24 14.73 8.55
CA PRO A 168 -21.65 14.43 8.77
C PRO A 168 -22.03 14.73 10.24
N GLN A 169 -23.33 14.82 10.52
CA GLN A 169 -23.79 15.17 11.87
C GLN A 169 -23.94 13.97 12.77
N VAL A 170 -23.16 12.93 12.52
CA VAL A 170 -22.97 11.87 13.49
C VAL A 170 -21.65 12.14 14.24
N SER A 171 -21.68 11.88 15.54
CA SER A 171 -20.49 12.00 16.37
C SER A 171 -19.95 10.58 16.54
N SER A 172 -18.81 10.31 15.90
CA SER A 172 -18.14 9.03 16.06
C SER A 172 -17.59 8.89 17.47
N SER A 173 -18.00 7.81 18.15
CA SER A 173 -17.41 7.39 19.42
C SER A 173 -16.14 6.60 19.13
N THR A 174 -14.99 7.15 19.49
CA THR A 174 -13.72 6.48 19.22
C THR A 174 -13.64 5.14 19.95
N GLY A 175 -14.16 5.10 21.18
CA GLY A 175 -14.20 3.89 22.02
C GLY A 175 -14.98 2.73 21.39
N ARG A 176 -16.16 3.04 20.86
CA ARG A 176 -16.97 2.08 20.11
C ARG A 176 -16.27 1.60 18.82
N VAL A 177 -15.49 2.47 18.18
CA VAL A 177 -14.71 2.08 17.00
C VAL A 177 -13.58 1.11 17.38
N TYR A 178 -12.76 1.48 18.38
CA TYR A 178 -11.72 0.56 18.88
C TYR A 178 -12.25 -0.79 19.40
N SER A 179 -13.55 -0.87 19.73
CA SER A 179 -14.19 -2.12 20.20
C SER A 179 -14.58 -3.09 19.09
N SER A 180 -14.60 -2.62 17.85
CA SER A 180 -14.96 -3.52 16.75
C SER A 180 -13.69 -4.08 16.12
N LEU A 181 -12.55 -3.63 16.65
CA LEU A 181 -11.24 -4.09 16.22
C LEU A 181 -11.05 -5.59 16.43
N ARG A 182 -10.47 -6.25 15.44
CA ARG A 182 -10.12 -7.66 15.58
CA ARG A 182 -10.13 -7.68 15.52
C ARG A 182 -8.66 -7.84 15.19
N GLU A 183 -8.13 -9.06 15.36
CA GLU A 183 -6.73 -9.34 15.08
C GLU A 183 -6.41 -8.97 13.66
N GLU A 184 -7.38 -9.22 12.78
CA GLU A 184 -7.31 -9.00 11.32
C GLU A 184 -6.99 -7.55 10.90
N HIS A 185 -7.32 -6.58 11.74
CA HIS A 185 -7.07 -5.16 11.46
C HIS A 185 -5.62 -4.66 11.73
N PHE A 186 -4.86 -5.42 12.55
CA PHE A 186 -3.51 -4.96 12.96
C PHE A 186 -2.50 -5.24 11.85
N VAL A 187 -1.51 -4.37 11.76
CA VAL A 187 -0.41 -4.54 10.80
C VAL A 187 0.90 -4.50 11.59
N THR A 188 2.01 -4.89 10.95
CA THR A 188 3.35 -4.71 11.54
C THR A 188 3.82 -3.26 11.44
N PRO A 189 4.68 -2.82 12.41
CA PRO A 189 5.15 -1.46 12.30
C PRO A 189 5.93 -1.22 11.02
N GLU A 190 6.60 -2.24 10.51
CA GLU A 190 7.39 -2.09 9.28
C GLU A 190 6.47 -1.77 8.09
N TYR A 191 5.36 -2.48 8.01
CA TYR A 191 4.36 -2.18 6.99
C TYR A 191 3.90 -0.72 7.08
N ALA A 192 3.46 -0.27 8.25
CA ALA A 192 3.03 1.11 8.46
C ALA A 192 4.06 2.18 8.18
N GLU A 193 5.31 1.94 8.60
CA GLU A 193 6.42 2.87 8.35
C GLU A 193 6.71 3.08 6.87
N GLU A 194 6.60 2.04 6.07
CA GLU A 194 6.78 2.20 4.63
C GLU A 194 5.64 3.05 4.03
N LYS A 195 4.41 2.77 4.42
CA LYS A 195 3.25 3.57 3.98
C LYS A 195 3.37 5.07 4.31
N ILE A 196 3.69 5.37 5.56
CA ILE A 196 3.89 6.75 6.03
C ILE A 196 4.97 7.50 5.29
N GLN A 197 6.10 6.83 5.02
CA GLN A 197 7.18 7.41 4.23
CA GLN A 197 7.13 7.56 4.33
C GLN A 197 6.63 7.87 2.90
N ARG A 198 5.86 6.97 2.28
CA ARG A 198 5.27 7.25 0.96
C ARG A 198 4.30 8.42 1.03
N ILE A 199 3.43 8.45 2.03
CA ILE A 199 2.52 9.60 2.21
C ILE A 199 3.30 10.90 2.39
N ILE A 200 4.29 10.87 3.27
CA ILE A 200 5.17 12.04 3.47
C ILE A 200 5.75 12.60 2.17
N SER A 201 6.13 11.72 1.26
CA SER A 201 6.67 12.14 -0.03
C SER A 201 5.58 12.58 -1.01
N GLY A 202 4.33 12.63 -0.54
CA GLY A 202 3.24 13.18 -1.36
C GLY A 202 2.37 12.15 -2.05
N GLU A 203 2.55 10.87 -1.73
CA GLU A 203 1.76 9.80 -2.32
C GLU A 203 0.49 9.59 -1.53
N VAL A 204 -0.49 10.48 -1.75
CA VAL A 204 -1.73 10.53 -0.93
C VAL A 204 -2.59 9.28 -1.11
N GLU A 205 -2.43 8.63 -2.25
CA GLU A 205 -3.11 7.37 -2.58
C GLU A 205 -2.69 6.22 -1.63
N GLU A 206 -1.54 6.40 -0.97
CA GLU A 206 -1.05 5.44 0.04
C GLU A 206 -1.72 5.56 1.43
N ILE A 207 -2.52 6.61 1.63
CA ILE A 207 -3.30 6.77 2.86
C ILE A 207 -4.36 5.69 3.01
N GLU A 208 -4.47 5.16 4.22
CA GLU A 208 -5.52 4.24 4.59
C GLU A 208 -5.65 4.24 6.11
N ASN A 209 -6.78 3.81 6.61
CA ASN A 209 -7.10 3.95 8.02
C ASN A 209 -8.21 2.99 8.37
N VAL A 210 -7.85 1.91 9.06
CA VAL A 210 -8.79 0.85 9.47
C VAL A 210 -9.84 1.32 10.48
N LEU A 211 -9.57 2.37 11.22
CA LEU A 211 -10.59 2.94 12.10
C LEU A 211 -11.75 3.54 11.23
N GLY A 212 -11.36 4.19 10.12
CA GLY A 212 -12.33 4.65 9.13
C GLY A 212 -13.15 3.53 8.52
N ASP A 213 -12.48 2.42 8.14
CA ASP A 213 -13.18 1.24 7.61
C ASP A 213 -14.26 0.79 8.60
N ILE A 214 -13.87 0.76 9.86
CA ILE A 214 -14.77 0.35 10.92
C ILE A 214 -15.88 1.37 11.15
N ALA A 215 -15.52 2.66 11.17
CA ALA A 215 -16.48 3.73 11.46
C ALA A 215 -17.60 3.79 10.42
N ARG A 216 -17.24 3.46 9.18
CA ARG A 216 -18.18 3.38 8.06
C ARG A 216 -19.18 2.24 8.24
N GLU A 217 -18.74 1.12 8.82
CA GLU A 217 -19.65 0.02 9.12
CA GLU A 217 -19.58 -0.04 9.19
C GLU A 217 -20.60 0.32 10.26
N LEU A 218 -20.11 0.98 11.30
CA LEU A 218 -20.87 1.30 12.50
C LEU A 218 -21.76 2.54 12.38
N TYR A 219 -21.35 3.51 11.57
CA TYR A 219 -22.11 4.72 11.35
C TYR A 219 -22.37 4.90 9.87
N PRO A 220 -23.50 4.33 9.36
CA PRO A 220 -23.87 4.36 7.94
C PRO A 220 -23.76 5.72 7.24
N GLU A 221 -24.00 6.82 7.96
CA GLU A 221 -23.83 8.16 7.43
C GLU A 221 -22.39 8.54 7.03
N ILE A 222 -21.40 8.04 7.76
CA ILE A 222 -19.99 8.18 7.36
C ILE A 222 -19.82 7.49 6.00
N ASN A 223 -20.37 6.27 5.88
CA ASN A 223 -20.33 5.54 4.62
C ASN A 223 -21.07 6.28 3.47
N GLU A 224 -22.23 6.89 3.80
CA GLU A 224 -22.94 7.67 2.80
CA GLU A 224 -23.01 7.75 2.89
C GLU A 224 -22.06 8.79 2.26
N VAL A 225 -21.34 9.52 3.12
CA VAL A 225 -20.40 10.60 2.71
C VAL A 225 -19.22 10.06 1.85
N TYR A 226 -18.60 9.01 2.35
CA TYR A 226 -17.57 8.29 1.62
C TYR A 226 -18.05 7.98 0.19
N ARG A 227 -19.17 7.28 0.09
CA ARG A 227 -19.73 6.93 -1.24
C ARG A 227 -20.03 8.17 -2.11
N PHE A 228 -20.55 9.23 -1.50
CA PHE A 228 -20.82 10.48 -2.23
C PHE A 228 -19.58 11.13 -2.80
N VAL A 229 -18.49 11.13 -2.04
CA VAL A 229 -17.20 11.67 -2.49
C VAL A 229 -16.62 10.91 -3.71
N GLU A 230 -16.69 9.58 -3.67
CA GLU A 230 -16.37 8.76 -4.84
C GLU A 230 -17.24 9.16 -6.05
N TYR A 231 -18.55 9.16 -5.85
CA TYR A 231 -19.49 9.61 -6.90
C TYR A 231 -19.03 10.93 -7.51
N LEU A 232 -18.60 11.86 -6.66
CA LEU A 232 -18.05 13.15 -7.13
C LEU A 232 -16.73 13.01 -7.88
N GLY A 233 -16.18 11.80 -7.91
CA GLY A 233 -14.96 11.54 -8.65
C GLY A 233 -13.65 11.78 -7.92
N PHE A 234 -13.69 11.79 -6.58
CA PHE A 234 -12.46 11.87 -5.79
C PHE A 234 -12.24 10.60 -4.96
N LYS A 235 -10.97 10.36 -4.58
CA LYS A 235 -10.66 9.35 -3.58
C LYS A 235 -10.95 9.95 -2.20
N PRO A 236 -11.90 9.34 -1.45
CA PRO A 236 -12.16 9.77 -0.07
C PRO A 236 -11.20 9.13 0.95
N PHE A 237 -10.97 9.83 2.05
CA PHE A 237 -10.17 9.33 3.19
C PHE A 237 -10.87 9.79 4.45
N VAL A 238 -10.60 9.08 5.54
CA VAL A 238 -11.23 9.33 6.82
C VAL A 238 -10.20 9.76 7.88
N SER A 239 -10.51 10.83 8.62
CA SER A 239 -9.64 11.36 9.70
C SER A 239 -10.00 10.72 11.04
N GLY A 240 -9.02 10.64 11.94
CA GLY A 240 -9.21 10.03 13.27
C GLY A 240 -9.93 8.69 13.16
N SER A 241 -11.00 8.51 13.96
CA SER A 241 -11.88 7.36 13.79
C SER A 241 -13.25 7.83 13.23
N GLY A 242 -13.16 8.80 12.31
CA GLY A 242 -14.29 9.54 11.83
C GLY A 242 -14.66 10.63 12.82
N SER A 243 -15.72 11.39 12.54
CA SER A 243 -16.61 11.13 11.40
CA SER A 243 -16.61 11.14 11.41
C SER A 243 -16.15 11.77 10.10
N THR A 244 -15.11 12.59 10.15
CA THR A 244 -14.71 13.36 8.95
C THR A 244 -14.16 12.52 7.78
N VAL A 245 -14.68 12.83 6.58
CA VAL A 245 -14.16 12.32 5.31
C VAL A 245 -13.54 13.52 4.64
N TYR A 246 -12.32 13.34 4.12
CA TYR A 246 -11.67 14.38 3.34
C TYR A 246 -11.23 13.89 1.96
N PHE A 247 -11.03 14.83 1.07
CA PHE A 247 -10.52 14.52 -0.25
C PHE A 247 -9.69 15.69 -0.72
N PHE A 248 -8.81 15.40 -1.69
CA PHE A 248 -7.90 16.40 -2.25
C PHE A 248 -8.49 17.04 -3.51
N GLY A 249 -9.44 17.94 -3.29
CA GLY A 249 -10.07 18.71 -4.36
C GLY A 249 -10.99 19.76 -3.75
N GLY A 250 -11.69 20.50 -4.62
CA GLY A 250 -12.62 21.52 -4.18
C GLY A 250 -14.04 20.99 -4.06
N ALA A 251 -14.90 21.79 -3.41
CA ALA A 251 -16.32 21.48 -3.27
C ALA A 251 -17.08 22.04 -4.46
N SER A 252 -17.80 21.17 -5.16
CA SER A 252 -18.74 21.61 -6.17
C SER A 252 -20.05 22.07 -5.50
N GLU A 253 -20.92 22.71 -6.30
CA GLU A 253 -22.24 23.15 -5.85
C GLU A 253 -23.12 21.97 -5.50
N GLU A 254 -22.97 20.87 -6.24
CA GLU A 254 -23.71 19.66 -5.92
C GLU A 254 -23.34 19.08 -4.54
N LEU A 255 -22.04 19.08 -4.22
CA LEU A 255 -21.60 18.74 -2.87
C LEU A 255 -22.19 19.71 -1.83
N LYS A 256 -22.03 21.01 -2.06
CA LYS A 256 -22.60 22.01 -1.16
C LYS A 256 -24.12 21.82 -0.93
N LYS A 257 -24.82 21.44 -1.99
CA LYS A 257 -26.26 21.22 -1.94
C LYS A 257 -26.60 19.97 -1.15
N ALA A 258 -25.90 18.89 -1.44
CA ALA A 258 -26.11 17.65 -0.70
C ALA A 258 -25.84 17.85 0.79
N ALA A 259 -24.79 18.62 1.10
CA ALA A 259 -24.42 18.97 2.50
C ALA A 259 -25.47 19.80 3.24
N LYS A 260 -25.96 20.87 2.62
CA LYS A 260 -27.03 21.69 3.22
C LYS A 260 -28.29 20.83 3.49
N MET A 261 -28.61 20.00 2.51
CA MET A 261 -29.79 19.14 2.59
C MET A 261 -29.63 18.09 3.67
N ARG A 262 -28.42 17.52 3.79
CA ARG A 262 -28.19 16.39 4.71
C ARG A 262 -27.66 16.82 6.07
N GLY A 263 -27.21 18.07 6.17
CA GLY A 263 -26.69 18.59 7.41
C GLY A 263 -25.23 18.22 7.59
N TRP A 264 -24.50 18.14 6.49
CA TRP A 264 -23.08 17.90 6.54
C TRP A 264 -22.38 19.25 6.55
N LYS A 265 -21.25 19.34 7.25
CA LYS A 265 -20.41 20.52 7.13
C LYS A 265 -19.31 20.30 6.08
N VAL A 266 -19.15 21.27 5.19
CA VAL A 266 -18.16 21.22 4.16
C VAL A 266 -17.16 22.33 4.44
N VAL A 267 -15.88 21.96 4.54
CA VAL A 267 -14.82 22.88 4.89
C VAL A 267 -13.77 22.79 3.79
N GLU A 268 -13.65 23.86 3.01
CA GLU A 268 -12.64 23.94 1.96
C GLU A 268 -11.39 24.64 2.46
N LEU A 269 -10.28 23.93 2.39
CA LEU A 269 -9.00 24.43 2.88
C LEU A 269 -7.93 24.32 1.81
N GLU A 270 -6.82 25.00 2.06
CA GLU A 270 -5.67 24.91 1.20
C GLU A 270 -4.46 24.53 2.04
N LEU A 271 -3.74 23.51 1.61
CA LEU A 271 -2.52 23.12 2.33
C LEU A 271 -1.27 23.63 1.64
N SER B 2 11.32 -40.05 -32.01
CA SER B 2 10.55 -41.22 -32.53
C SER B 2 9.15 -41.26 -31.90
N HIS B 3 9.05 -41.88 -30.72
CA HIS B 3 7.77 -42.10 -30.06
C HIS B 3 7.27 -40.77 -29.43
N MET B 4 6.84 -39.85 -30.31
CA MET B 4 6.65 -38.45 -29.97
C MET B 4 5.63 -38.24 -28.85
N ILE B 5 6.04 -37.45 -27.86
CA ILE B 5 5.09 -36.95 -26.87
C ILE B 5 4.97 -35.43 -26.91
N LYS B 6 3.72 -34.97 -26.79
CA LYS B 6 3.35 -33.55 -26.71
C LYS B 6 3.31 -33.11 -25.24
N VAL B 7 4.02 -32.04 -24.91
CA VAL B 7 3.86 -31.44 -23.58
C VAL B 7 3.75 -29.91 -23.64
N LEU B 8 2.90 -29.35 -22.77
CA LEU B 8 2.68 -27.91 -22.66
C LEU B 8 3.54 -27.24 -21.57
N SER B 9 4.00 -26.02 -21.87
CA SER B 9 4.85 -25.26 -20.99
C SER B 9 4.20 -23.88 -20.77
N PRO B 10 3.51 -23.69 -19.61
CA PRO B 10 2.70 -22.52 -19.31
C PRO B 10 3.53 -21.29 -18.94
N ALA B 11 2.90 -20.13 -19.09
CA ALA B 11 3.51 -18.87 -18.74
C ALA B 11 3.20 -18.57 -17.28
N LYS B 12 3.85 -17.54 -16.75
CA LYS B 12 3.43 -17.01 -15.44
C LYS B 12 3.30 -15.49 -15.51
N ILE B 13 2.48 -14.93 -14.62
CA ILE B 13 2.60 -13.50 -14.26
C ILE B 13 3.03 -13.31 -12.77
N ASN B 14 3.71 -12.22 -12.46
CA ASN B 14 3.90 -11.84 -11.05
C ASN B 14 2.77 -10.93 -10.65
N LEU B 15 2.02 -11.36 -9.65
CA LEU B 15 0.99 -10.56 -9.04
C LEU B 15 1.61 -9.81 -7.87
N GLY B 16 2.50 -8.89 -8.19
CA GLY B 16 3.26 -8.11 -7.22
C GLY B 16 4.70 -8.63 -7.14
N LEU B 17 5.66 -7.72 -7.08
CA LEU B 17 7.03 -8.09 -6.78
C LEU B 17 7.69 -7.01 -5.91
N TRP B 18 8.48 -7.46 -4.93
CA TRP B 18 9.20 -6.54 -4.05
C TRP B 18 10.66 -6.94 -3.97
N VAL B 19 11.56 -5.98 -4.12
CA VAL B 19 13.00 -6.20 -3.94
C VAL B 19 13.44 -5.89 -2.48
N LEU B 20 14.04 -6.89 -1.84
CA LEU B 20 14.33 -6.83 -0.39
C LEU B 20 15.78 -6.43 -0.07
N GLY B 21 16.70 -6.70 -0.98
CA GLY B 21 18.10 -6.44 -0.74
C GLY B 21 18.97 -7.15 -1.74
N ARG B 22 20.28 -6.97 -1.57
CA ARG B 22 21.29 -7.54 -2.44
C ARG B 22 21.97 -8.73 -1.78
N LEU B 23 22.02 -9.84 -2.50
CA LEU B 23 22.66 -11.07 -2.03
C LEU B 23 24.10 -11.10 -2.57
N PRO B 24 24.98 -11.94 -1.97
CA PRO B 24 26.40 -11.86 -2.42
C PRO B 24 26.51 -12.28 -3.87
N SER B 25 25.43 -12.87 -4.38
CA SER B 25 25.46 -13.73 -5.55
C SER B 25 26.02 -13.18 -6.90
N GLY B 26 25.82 -11.91 -7.25
CA GLY B 26 24.92 -10.97 -6.58
C GLY B 26 23.52 -10.86 -7.19
N TYR B 27 22.66 -11.84 -6.90
CA TYR B 27 21.21 -11.65 -6.91
C TYR B 27 21.02 -10.55 -5.84
N HIS B 28 20.01 -9.71 -5.90
CA HIS B 28 18.62 -9.75 -5.39
C HIS B 28 17.71 -10.75 -4.70
N GLU B 29 17.42 -10.41 -3.43
CA GLU B 29 16.39 -11.07 -2.67
C GLU B 29 15.05 -10.40 -3.01
N ILE B 30 14.03 -11.22 -3.24
CA ILE B 30 12.72 -10.73 -3.59
C ILE B 30 11.63 -11.47 -2.82
N LEU B 31 10.45 -10.86 -2.84
CA LEU B 31 9.22 -11.49 -2.49
C LEU B 31 8.26 -11.28 -3.70
N THR B 32 7.56 -12.34 -4.10
CA THR B 32 6.63 -12.24 -5.23
C THR B 32 5.49 -13.28 -5.13
N LEU B 33 4.35 -12.97 -5.75
CA LEU B 33 3.28 -13.95 -5.95
C LEU B 33 3.28 -14.41 -7.41
N TYR B 34 3.76 -15.63 -7.66
CA TYR B 34 3.67 -16.29 -8.97
C TYR B 34 2.25 -16.78 -9.28
N GLN B 35 1.75 -16.48 -10.48
CA GLN B 35 0.48 -17.05 -10.98
C GLN B 35 0.70 -17.66 -12.35
N GLU B 36 0.51 -18.96 -12.45
CA GLU B 36 0.62 -19.65 -13.75
C GLU B 36 -0.61 -19.31 -14.59
N ILE B 37 -0.40 -18.99 -15.85
CA ILE B 37 -1.53 -18.62 -16.71
C ILE B 37 -1.69 -19.60 -17.89
N PRO B 38 -2.94 -19.80 -18.39
CA PRO B 38 -3.24 -20.76 -19.49
C PRO B 38 -2.82 -20.25 -20.85
N PHE B 39 -1.52 -20.01 -20.99
CA PHE B 39 -0.90 -19.45 -22.18
C PHE B 39 0.32 -20.34 -22.28
N TYR B 40 0.52 -21.02 -23.41
CA TYR B 40 1.46 -22.15 -23.44
C TYR B 40 2.42 -22.20 -24.63
N ASP B 41 3.67 -22.53 -24.36
CA ASP B 41 4.57 -23.06 -25.39
C ASP B 41 4.20 -24.52 -25.63
N GLU B 42 4.45 -25.00 -26.84
CA GLU B 42 4.15 -26.38 -27.21
C GLU B 42 5.46 -27.14 -27.47
N ILE B 43 5.65 -28.23 -26.73
CA ILE B 43 6.90 -28.96 -26.77
C ILE B 43 6.73 -30.39 -27.31
N TYR B 44 7.54 -30.70 -28.33
CA TYR B 44 7.57 -32.02 -28.94
C TYR B 44 8.82 -32.77 -28.50
N ILE B 45 8.61 -33.86 -27.76
CA ILE B 45 9.72 -34.62 -27.16
C ILE B 45 9.90 -35.98 -27.88
N ARG B 46 10.95 -36.05 -28.72
CA ARG B 46 11.22 -37.25 -29.52
C ARG B 46 12.48 -37.99 -29.12
N GLU B 47 12.44 -39.32 -29.24
CA GLU B 47 13.65 -40.15 -29.14
C GLU B 47 14.60 -39.83 -30.27
N GLY B 48 15.86 -39.55 -29.93
CA GLY B 48 16.86 -39.21 -30.93
C GLY B 48 18.06 -38.53 -30.32
N VAL B 49 18.89 -37.97 -31.20
CA VAL B 49 20.09 -37.24 -30.78
C VAL B 49 19.64 -36.02 -29.99
N LEU B 50 20.43 -35.66 -28.97
CA LEU B 50 20.16 -34.52 -28.09
C LEU B 50 20.06 -33.21 -28.86
N ARG B 51 18.82 -32.80 -29.13
CA ARG B 51 18.49 -31.68 -29.99
C ARG B 51 17.56 -30.75 -29.19
N VAL B 52 17.84 -29.46 -29.18
CA VAL B 52 16.87 -28.48 -28.66
C VAL B 52 16.67 -27.41 -29.73
N GLU B 53 15.57 -27.50 -30.47
CA GLU B 53 15.28 -26.42 -31.43
C GLU B 53 13.93 -25.73 -31.22
N THR B 54 13.85 -24.49 -31.72
CA THR B 54 12.64 -23.69 -31.60
C THR B 54 12.14 -23.30 -32.97
N ASN B 55 11.01 -22.59 -33.01
CA ASN B 55 10.52 -21.99 -34.24
C ASN B 55 10.79 -20.47 -34.30
N ILE B 56 11.67 -19.98 -33.41
CA ILE B 56 12.02 -18.55 -33.40
C ILE B 56 13.55 -18.29 -33.46
N GLY B 57 14.31 -19.33 -33.73
CA GLY B 57 15.76 -19.22 -33.93
C GLY B 57 16.61 -18.88 -32.71
N ILE B 58 16.15 -19.27 -31.52
CA ILE B 58 16.98 -19.24 -30.31
C ILE B 58 18.10 -20.27 -30.44
N PRO B 59 19.37 -19.81 -30.40
CA PRO B 59 20.52 -20.72 -30.51
C PRO B 59 20.48 -21.81 -29.45
N GLN B 60 20.75 -23.05 -29.84
CA GLN B 60 20.77 -24.20 -28.94
C GLN B 60 21.66 -23.97 -27.72
N GLU B 61 22.82 -23.34 -27.93
CA GLU B 61 23.80 -23.14 -26.87
CA GLU B 61 23.80 -23.12 -26.89
C GLU B 61 23.42 -22.00 -25.92
N GLU B 62 22.35 -21.26 -26.25
CA GLU B 62 21.79 -20.22 -25.37
C GLU B 62 20.51 -20.71 -24.66
N ASN B 63 20.03 -21.88 -25.07
CA ASN B 63 18.74 -22.39 -24.66
C ASN B 63 18.78 -23.06 -23.27
N LEU B 64 17.98 -22.53 -22.35
CA LEU B 64 17.92 -23.02 -20.96
C LEU B 64 17.59 -24.50 -20.85
N VAL B 65 16.80 -25.00 -21.80
CA VAL B 65 16.45 -26.42 -21.85
C VAL B 65 17.71 -27.24 -22.18
N TYR B 66 18.49 -26.76 -23.15
CA TYR B 66 19.75 -27.39 -23.50
C TYR B 66 20.74 -27.35 -22.32
N LYS B 67 20.94 -26.16 -21.77
CA LYS B 67 21.77 -25.99 -20.57
C LYS B 67 21.34 -26.95 -19.46
N GLY B 68 20.04 -27.00 -19.20
CA GLY B 68 19.49 -27.94 -18.23
C GLY B 68 19.76 -29.39 -18.55
N LEU B 69 19.62 -29.77 -19.82
CA LEU B 69 19.77 -31.18 -20.21
C LEU B 69 21.25 -31.64 -20.18
N ARG B 70 22.16 -30.75 -20.56
CA ARG B 70 23.59 -31.01 -20.46
C ARG B 70 24.02 -31.18 -19.01
N GLU B 71 23.61 -30.22 -18.18
CA GLU B 71 23.78 -30.31 -16.73
C GLU B 71 23.16 -31.58 -16.15
N PHE B 72 22.04 -32.02 -16.71
CA PHE B 72 21.42 -33.29 -16.32
C PHE B 72 22.36 -34.47 -16.65
N GLU B 73 22.96 -34.46 -17.84
CA GLU B 73 23.95 -35.49 -18.23
C GLU B 73 25.17 -35.42 -17.32
N ARG B 74 25.62 -34.20 -17.05
CA ARG B 74 26.81 -33.89 -16.25
C ARG B 74 26.63 -34.16 -14.75
N ILE B 75 25.40 -34.44 -14.34
CA ILE B 75 25.06 -34.74 -12.93
C ILE B 75 24.76 -36.24 -12.77
N THR B 76 24.06 -36.82 -13.74
CA THR B 76 23.56 -38.18 -13.67
C THR B 76 24.44 -39.22 -14.40
N GLY B 77 25.33 -38.75 -15.27
CA GLY B 77 26.12 -39.64 -16.11
C GLY B 77 25.33 -40.37 -17.19
N ILE B 78 24.01 -40.18 -17.18
CA ILE B 78 23.12 -40.84 -18.15
C ILE B 78 23.15 -40.12 -19.49
N GLU B 79 22.97 -40.89 -20.56
CA GLU B 79 22.91 -40.36 -21.90
C GLU B 79 21.49 -39.92 -22.25
N ILE B 80 21.31 -38.60 -22.40
CA ILE B 80 20.00 -38.09 -22.79
C ILE B 80 19.84 -38.25 -24.29
N ASN B 81 19.08 -39.28 -24.67
CA ASN B 81 18.81 -39.57 -26.07
C ASN B 81 17.44 -39.07 -26.49
N TYR B 82 17.29 -37.74 -26.37
CA TYR B 82 16.04 -37.03 -26.62
C TYR B 82 16.22 -35.80 -27.51
N SER B 83 15.30 -35.66 -28.45
CA SER B 83 15.28 -34.54 -29.39
C SER B 83 14.06 -33.67 -29.10
N ILE B 84 14.30 -32.40 -28.80
CA ILE B 84 13.24 -31.49 -28.32
C ILE B 84 12.95 -30.37 -29.31
N PHE B 85 11.67 -30.20 -29.64
CA PHE B 85 11.24 -29.05 -30.44
C PHE B 85 10.22 -28.17 -29.70
N ILE B 86 10.56 -26.89 -29.55
CA ILE B 86 9.66 -25.92 -28.86
C ILE B 86 9.06 -24.89 -29.81
N GLN B 87 7.74 -24.97 -29.98
CA GLN B 87 6.94 -23.87 -30.50
C GLN B 87 6.73 -22.82 -29.40
N LYS B 88 7.35 -21.66 -29.59
CA LYS B 88 7.35 -20.60 -28.62
C LYS B 88 6.22 -19.62 -28.94
N ASN B 89 5.14 -19.71 -28.16
CA ASN B 89 4.04 -18.76 -28.23
C ASN B 89 4.26 -17.65 -27.21
N ILE B 90 4.99 -17.99 -26.15
CA ILE B 90 5.35 -17.05 -25.06
C ILE B 90 6.56 -16.26 -25.53
N PRO B 91 6.37 -14.95 -25.80
CA PRO B 91 7.48 -14.15 -26.33
C PRO B 91 8.62 -13.97 -25.31
N PRO B 92 9.88 -14.08 -25.78
CA PRO B 92 11.02 -13.85 -24.89
C PRO B 92 11.08 -12.40 -24.41
N GLY B 93 11.44 -12.18 -23.16
CA GLY B 93 11.52 -10.81 -22.62
C GLY B 93 10.19 -10.16 -22.31
N ALA B 94 9.14 -10.98 -22.26
CA ALA B 94 7.81 -10.46 -21.96
C ALA B 94 7.52 -10.53 -20.46
N GLY B 95 8.44 -11.12 -19.69
CA GLY B 95 8.32 -11.24 -18.22
C GLY B 95 7.36 -12.33 -17.81
N LEU B 96 7.17 -13.29 -18.72
CA LEU B 96 6.14 -14.32 -18.54
C LEU B 96 6.77 -15.67 -18.16
N GLY B 97 8.09 -15.64 -18.07
CA GLY B 97 8.92 -16.76 -17.61
C GLY B 97 9.01 -17.89 -18.60
N GLY B 98 8.92 -17.60 -19.90
CA GLY B 98 8.80 -18.65 -20.93
C GLY B 98 9.94 -19.67 -21.01
N GLY B 99 11.18 -19.21 -20.90
CA GLY B 99 12.34 -20.11 -20.98
C GLY B 99 12.46 -20.93 -19.72
N SER B 100 12.08 -20.33 -18.59
CA SER B 100 12.13 -20.98 -17.29
C SER B 100 11.13 -22.10 -17.16
N SER B 101 9.97 -21.88 -17.74
CA SER B 101 8.91 -22.88 -17.90
C SER B 101 9.39 -24.06 -18.75
N ASN B 102 9.94 -23.73 -19.91
CA ASN B 102 10.44 -24.72 -20.85
C ASN B 102 11.41 -25.64 -20.13
N LEU B 103 12.42 -25.03 -19.51
CA LEU B 103 13.39 -25.72 -18.68
C LEU B 103 12.74 -26.70 -17.68
N ALA B 104 11.87 -26.17 -16.82
CA ALA B 104 11.22 -26.98 -15.78
C ALA B 104 10.37 -28.14 -16.32
N VAL B 105 9.56 -27.90 -17.35
CA VAL B 105 8.67 -28.95 -17.82
C VAL B 105 9.40 -30.06 -18.57
N VAL B 106 10.39 -29.70 -19.38
CA VAL B 106 11.15 -30.66 -20.15
C VAL B 106 12.02 -31.56 -19.26
N LEU B 107 12.77 -30.94 -18.34
CA LEU B 107 13.63 -31.67 -17.39
C LEU B 107 12.87 -32.51 -16.37
N LYS B 108 11.65 -32.12 -16.04
CA LYS B 108 10.78 -32.95 -15.24
C LYS B 108 10.32 -34.16 -16.07
N LYS B 109 10.05 -33.94 -17.36
CA LYS B 109 9.56 -35.01 -18.23
C LYS B 109 10.67 -36.01 -18.55
N VAL B 110 11.86 -35.49 -18.85
CA VAL B 110 13.00 -36.35 -19.18
C VAL B 110 13.34 -37.20 -17.96
N ASN B 111 13.45 -36.57 -16.80
CA ASN B 111 13.58 -37.28 -15.53
C ASN B 111 12.60 -38.43 -15.39
N GLU B 112 11.30 -38.15 -15.59
CA GLU B 112 10.26 -39.19 -15.54
C GLU B 112 10.56 -40.32 -16.54
N LEU B 113 10.94 -39.95 -17.77
CA LEU B 113 11.18 -40.92 -18.84
C LEU B 113 12.39 -41.80 -18.57
N LEU B 114 13.40 -41.21 -17.92
CA LEU B 114 14.63 -41.92 -17.57
C LEU B 114 14.56 -42.62 -16.20
N GLY B 115 13.34 -42.77 -15.69
CA GLY B 115 13.06 -43.57 -14.51
C GLY B 115 13.18 -42.84 -13.19
N SER B 116 13.07 -41.51 -13.23
CA SER B 116 13.26 -40.61 -12.07
C SER B 116 14.62 -40.72 -11.36
N PRO B 117 15.74 -40.60 -12.11
CA PRO B 117 17.05 -40.65 -11.45
C PRO B 117 17.30 -39.51 -10.46
N LEU B 118 16.58 -38.39 -10.62
CA LEU B 118 16.66 -37.30 -9.66
C LEU B 118 15.45 -37.29 -8.72
N SER B 119 15.70 -36.92 -7.46
CA SER B 119 14.61 -36.64 -6.52
C SER B 119 13.96 -35.28 -6.83
N GLU B 120 12.84 -35.01 -6.15
CA GLU B 120 12.18 -33.70 -6.22
C GLU B 120 13.18 -32.58 -5.96
N GLU B 121 13.91 -32.69 -4.84
CA GLU B 121 14.91 -31.69 -4.44
C GLU B 121 16.01 -31.51 -5.47
N GLU B 122 16.48 -32.62 -6.03
CA GLU B 122 17.59 -32.62 -6.98
C GLU B 122 17.21 -31.98 -8.33
N LEU B 123 16.01 -32.31 -8.81
CA LEU B 123 15.43 -31.71 -10.00
C LEU B 123 15.20 -30.20 -9.77
N ARG B 124 14.52 -29.89 -8.66
CA ARG B 124 14.29 -28.51 -8.24
C ARG B 124 15.59 -27.70 -8.15
N GLU B 125 16.61 -28.27 -7.52
CA GLU B 125 17.93 -27.64 -7.41
C GLU B 125 18.63 -27.47 -8.76
N LEU B 126 18.51 -28.48 -9.61
CA LEU B 126 19.07 -28.41 -10.97
C LEU B 126 18.50 -27.23 -11.77
N VAL B 127 17.18 -27.17 -11.89
CA VAL B 127 16.49 -26.10 -12.66
C VAL B 127 16.69 -24.73 -12.01
N GLY B 128 16.54 -24.68 -10.68
CA GLY B 128 16.79 -23.48 -9.85
C GLY B 128 18.15 -22.84 -9.99
N SER B 129 19.18 -23.66 -10.22
CA SER B 129 20.55 -23.18 -10.46
C SER B 129 20.72 -22.58 -11.86
N ILE B 130 19.82 -22.91 -12.78
CA ILE B 130 19.83 -22.25 -14.11
C ILE B 130 18.94 -20.98 -14.17
N SER B 131 17.76 -21.05 -13.56
CA SER B 131 16.87 -19.89 -13.42
C SER B 131 16.10 -19.95 -12.09
N ALA B 132 16.07 -18.84 -11.34
CA ALA B 132 15.33 -18.78 -10.04
C ALA B 132 13.83 -18.98 -10.19
N ASP B 133 13.33 -18.56 -11.36
CA ASP B 133 11.98 -18.76 -11.88
C ASP B 133 11.52 -20.20 -12.12
N ALA B 134 12.47 -21.05 -12.51
CA ALA B 134 12.16 -22.40 -12.99
C ALA B 134 11.43 -23.31 -12.00
N PRO B 135 11.87 -23.37 -10.72
CA PRO B 135 11.16 -24.22 -9.78
C PRO B 135 9.66 -23.97 -9.65
N PHE B 136 9.21 -22.74 -9.89
CA PHE B 136 7.77 -22.45 -9.78
C PHE B 136 6.98 -23.34 -10.71
N PHE B 137 7.56 -23.57 -11.87
CA PHE B 137 6.93 -24.38 -12.91
C PHE B 137 7.00 -25.89 -12.68
N LEU B 138 7.48 -26.30 -11.50
CA LEU B 138 7.41 -27.70 -11.10
C LEU B 138 6.19 -27.84 -10.22
N LEU B 139 5.65 -26.70 -9.79
CA LEU B 139 4.43 -26.65 -9.00
C LEU B 139 3.27 -26.09 -9.79
N GLY B 140 3.49 -24.93 -10.42
CA GLY B 140 2.42 -24.16 -11.06
C GLY B 140 1.37 -23.74 -10.05
N LYS B 141 0.17 -23.44 -10.56
CA LYS B 141 -0.90 -22.77 -9.81
C LYS B 141 -0.41 -21.40 -9.27
N SER B 142 -0.63 -21.16 -7.98
CA SER B 142 -0.23 -19.93 -7.31
C SER B 142 0.77 -20.30 -6.21
N ALA B 143 1.83 -19.51 -6.08
CA ALA B 143 2.82 -19.67 -5.00
C ALA B 143 3.54 -18.37 -4.68
N ILE B 144 3.76 -18.11 -3.38
CA ILE B 144 4.69 -17.06 -2.95
C ILE B 144 6.12 -17.55 -3.22
N GLY B 145 6.92 -16.69 -3.86
CA GLY B 145 8.32 -16.98 -4.14
C GLY B 145 9.20 -16.11 -3.25
N ARG B 146 10.16 -16.73 -2.56
CA ARG B 146 11.10 -16.03 -1.65
C ARG B 146 12.55 -16.35 -2.00
N GLY B 147 13.48 -15.79 -1.23
CA GLY B 147 14.90 -15.83 -1.60
C GLY B 147 15.12 -15.08 -2.89
N LYS B 148 15.55 -15.79 -3.93
CA LYS B 148 15.66 -15.18 -5.25
C LYS B 148 14.41 -15.48 -6.06
N GLY B 149 13.46 -16.16 -5.44
CA GLY B 149 12.27 -16.64 -6.13
C GLY B 149 12.05 -18.14 -6.02
N GLU B 150 13.14 -18.88 -5.84
CA GLU B 150 13.16 -20.36 -5.82
C GLU B 150 12.58 -21.04 -4.55
N VAL B 151 12.36 -20.26 -3.49
CA VAL B 151 11.86 -20.79 -2.23
C VAL B 151 10.37 -20.50 -2.21
N LEU B 152 9.57 -21.57 -2.32
CA LEU B 152 8.16 -21.47 -2.71
C LEU B 152 7.16 -21.94 -1.66
N GLU B 153 6.05 -21.20 -1.55
CA GLU B 153 4.99 -21.58 -0.64
C GLU B 153 3.67 -21.53 -1.39
N PRO B 154 3.11 -22.72 -1.72
CA PRO B 154 1.83 -22.79 -2.40
C PRO B 154 0.73 -22.08 -1.62
N VAL B 155 -0.12 -21.35 -2.33
CA VAL B 155 -1.26 -20.69 -1.70
C VAL B 155 -2.49 -20.83 -2.58
N GLU B 156 -3.66 -20.63 -1.98
CA GLU B 156 -4.89 -20.48 -2.74
C GLU B 156 -5.37 -19.03 -2.66
N THR B 157 -5.45 -18.40 -3.82
CA THR B 157 -5.89 -17.00 -3.94
C THR B 157 -7.38 -16.87 -4.23
N GLU B 158 -7.92 -15.69 -3.96
CA GLU B 158 -9.30 -15.36 -4.29
C GLU B 158 -9.37 -14.53 -5.57
N ILE B 159 -8.35 -14.69 -6.41
CA ILE B 159 -8.28 -14.05 -7.72
C ILE B 159 -8.82 -14.98 -8.81
N SER B 160 -9.71 -14.43 -9.66
CA SER B 160 -10.44 -15.18 -10.69
C SER B 160 -10.96 -14.21 -11.75
N GLY B 161 -11.27 -14.73 -12.95
CA GLY B 161 -11.93 -13.91 -13.97
C GLY B 161 -11.00 -13.53 -15.09
N LYS B 162 -11.36 -12.48 -15.83
CA LYS B 162 -10.56 -12.06 -16.96
C LYS B 162 -9.26 -11.37 -16.57
N ILE B 163 -8.17 -11.84 -17.16
CA ILE B 163 -6.90 -11.13 -17.17
C ILE B 163 -6.52 -10.99 -18.64
N THR B 164 -6.16 -9.78 -19.06
CA THR B 164 -5.67 -9.55 -20.41
C THR B 164 -4.21 -9.11 -20.40
N LEU B 165 -3.41 -9.62 -21.32
CA LEU B 165 -2.01 -9.25 -21.41
C LEU B 165 -1.86 -8.43 -22.65
N VAL B 166 -0.97 -7.47 -22.60
CA VAL B 166 -0.78 -6.59 -23.72
C VAL B 166 0.71 -6.42 -23.80
N ILE B 167 1.30 -7.05 -24.80
CA ILE B 167 2.73 -7.22 -24.85
C ILE B 167 3.29 -6.39 -25.95
N PRO B 168 4.12 -5.38 -25.61
CA PRO B 168 4.73 -4.58 -26.69
C PRO B 168 5.81 -5.39 -27.38
N GLN B 169 6.40 -4.81 -28.42
CA GLN B 169 7.46 -5.46 -29.17
CA GLN B 169 7.47 -5.47 -29.18
C GLN B 169 8.80 -5.49 -28.42
N VAL B 170 9.09 -4.41 -27.69
CA VAL B 170 10.36 -4.30 -26.98
C VAL B 170 10.59 -5.50 -26.06
N SER B 171 11.79 -6.05 -26.13
CA SER B 171 12.17 -7.16 -25.27
C SER B 171 12.90 -6.53 -24.10
N SER B 172 12.32 -6.69 -22.91
CA SER B 172 12.91 -6.12 -21.69
C SER B 172 14.15 -6.90 -21.18
N SER B 173 15.26 -6.20 -21.08
CA SER B 173 16.47 -6.74 -20.47
C SER B 173 16.39 -6.73 -18.93
N THR B 174 15.99 -7.86 -18.37
CA THR B 174 15.90 -8.06 -16.92
C THR B 174 17.21 -7.64 -16.21
N GLY B 175 18.35 -8.01 -16.79
CA GLY B 175 19.65 -7.46 -16.38
C GLY B 175 19.78 -5.94 -16.38
N ARG B 176 19.27 -5.27 -17.42
CA ARG B 176 19.32 -3.78 -17.47
C ARG B 176 18.43 -3.10 -16.43
N VAL B 177 17.31 -3.75 -16.11
CA VAL B 177 16.30 -3.23 -15.20
C VAL B 177 16.88 -3.27 -13.78
N TYR B 178 17.25 -4.46 -13.30
CA TYR B 178 17.86 -4.63 -11.97
C TYR B 178 19.06 -3.68 -11.75
N SER B 179 19.76 -3.36 -12.85
CA SER B 179 20.94 -2.51 -12.81
C SER B 179 20.62 -1.05 -12.55
N SER B 180 19.38 -0.64 -12.88
CA SER B 180 18.89 0.71 -12.57
C SER B 180 18.23 0.82 -11.18
N LEU B 181 18.24 -0.27 -10.44
CA LEU B 181 17.67 -0.34 -9.08
C LEU B 181 18.38 0.58 -8.05
N ARG B 182 17.68 1.64 -7.63
CA ARG B 182 18.12 2.56 -6.56
C ARG B 182 17.76 2.04 -5.13
N GLU B 183 18.33 2.68 -4.11
CA GLU B 183 18.17 2.24 -2.71
CA GLU B 183 18.18 2.27 -2.71
C GLU B 183 16.74 2.44 -2.25
N GLU B 184 16.14 3.53 -2.71
CA GLU B 184 14.77 3.92 -2.38
CA GLU B 184 14.77 3.88 -2.33
C GLU B 184 13.74 2.89 -2.89
N HIS B 185 14.20 1.94 -3.71
CA HIS B 185 13.34 0.89 -4.30
C HIS B 185 13.15 -0.35 -3.41
N PHE B 186 14.11 -0.57 -2.51
CA PHE B 186 14.04 -1.71 -1.59
C PHE B 186 12.98 -1.45 -0.54
N VAL B 187 12.31 -2.51 -0.12
CA VAL B 187 11.40 -2.44 1.03
C VAL B 187 11.78 -3.58 1.94
N THR B 188 11.22 -3.56 3.16
CA THR B 188 11.36 -4.63 4.13
C THR B 188 10.51 -5.84 3.78
N PRO B 189 10.93 -7.03 4.21
CA PRO B 189 10.04 -8.19 3.92
C PRO B 189 8.68 -8.09 4.59
N GLU B 190 8.63 -7.51 5.77
CA GLU B 190 7.36 -7.29 6.48
C GLU B 190 6.37 -6.45 5.66
N TYR B 191 6.85 -5.38 5.05
CA TYR B 191 5.98 -4.57 4.19
C TYR B 191 5.44 -5.44 3.06
N ALA B 192 6.33 -6.12 2.33
CA ALA B 192 5.96 -6.96 1.19
C ALA B 192 5.02 -8.10 1.56
N GLU B 193 5.22 -8.69 2.75
CA GLU B 193 4.36 -9.77 3.24
CA GLU B 193 4.37 -9.80 3.24
C GLU B 193 2.91 -9.34 3.46
N GLU B 194 2.72 -8.16 4.05
CA GLU B 194 1.37 -7.59 4.16
C GLU B 194 0.67 -7.38 2.78
N LYS B 195 1.37 -6.77 1.83
CA LYS B 195 0.86 -6.60 0.47
C LYS B 195 0.41 -7.92 -0.18
N ILE B 196 1.25 -8.96 -0.09
CA ILE B 196 0.97 -10.24 -0.70
C ILE B 196 -0.23 -10.93 -0.09
N GLN B 197 -0.37 -10.87 1.23
CA GLN B 197 -1.53 -11.46 1.86
C GLN B 197 -2.83 -10.76 1.43
N ARG B 198 -2.76 -9.45 1.18
CA ARG B 198 -3.91 -8.70 0.66
C ARG B 198 -4.30 -9.16 -0.75
N ILE B 199 -3.30 -9.26 -1.63
CA ILE B 199 -3.46 -9.74 -2.98
C ILE B 199 -4.05 -11.18 -3.00
N ILE B 200 -3.48 -12.10 -2.23
CA ILE B 200 -4.03 -13.49 -2.12
C ILE B 200 -5.52 -13.45 -1.75
N SER B 201 -5.90 -12.55 -0.84
CA SER B 201 -7.29 -12.37 -0.47
C SER B 201 -8.19 -11.75 -1.56
N GLY B 202 -7.63 -11.51 -2.74
CA GLY B 202 -8.39 -10.90 -3.86
C GLY B 202 -8.27 -9.38 -4.06
N GLU B 203 -7.44 -8.72 -3.25
CA GLU B 203 -7.28 -7.26 -3.35
C GLU B 203 -6.18 -6.87 -4.34
N VAL B 204 -6.50 -6.95 -5.63
CA VAL B 204 -5.52 -6.79 -6.72
C VAL B 204 -4.95 -5.39 -6.87
N GLU B 205 -5.66 -4.43 -6.29
CA GLU B 205 -5.26 -3.03 -6.27
C GLU B 205 -3.91 -2.88 -5.51
N GLU B 206 -3.67 -3.81 -4.57
CA GLU B 206 -2.41 -3.92 -3.81
C GLU B 206 -1.18 -4.41 -4.58
N ILE B 207 -1.36 -4.85 -5.83
CA ILE B 207 -0.20 -5.19 -6.65
C ILE B 207 0.61 -3.93 -6.97
N GLU B 208 1.93 -4.08 -6.85
CA GLU B 208 2.89 -3.11 -7.31
C GLU B 208 4.17 -3.87 -7.62
N ASN B 209 5.06 -3.24 -8.38
CA ASN B 209 6.26 -3.89 -8.89
C ASN B 209 7.23 -2.83 -9.32
N VAL B 210 8.28 -2.66 -8.51
CA VAL B 210 9.32 -1.68 -8.78
C VAL B 210 10.11 -1.97 -10.04
N LEU B 211 10.29 -3.24 -10.38
CA LEU B 211 10.95 -3.61 -11.66
C LEU B 211 10.15 -3.09 -12.86
N GLY B 212 8.83 -3.24 -12.80
CA GLY B 212 7.89 -2.61 -13.74
C GLY B 212 7.99 -1.10 -13.83
N ASP B 213 8.11 -0.42 -12.69
CA ASP B 213 8.33 1.05 -12.64
C ASP B 213 9.59 1.46 -13.39
N ILE B 214 10.67 0.73 -13.18
CA ILE B 214 11.94 0.99 -13.88
C ILE B 214 11.89 0.63 -15.38
N ALA B 215 11.27 -0.49 -15.72
CA ALA B 215 11.14 -0.93 -17.11
C ALA B 215 10.37 0.12 -17.90
N ARG B 216 9.35 0.70 -17.28
CA ARG B 216 8.60 1.82 -17.86
C ARG B 216 9.43 3.07 -18.12
N GLU B 217 10.46 3.31 -17.32
CA GLU B 217 11.29 4.45 -17.64
CA GLU B 217 11.41 4.43 -17.47
C GLU B 217 12.44 4.09 -18.56
N LEU B 218 12.89 2.83 -18.56
CA LEU B 218 13.89 2.37 -19.52
C LEU B 218 13.32 2.20 -20.94
N TYR B 219 12.16 1.56 -21.05
CA TYR B 219 11.49 1.36 -22.32
C TYR B 219 10.16 2.15 -22.41
N PRO B 220 10.18 3.32 -23.13
CA PRO B 220 9.03 4.23 -23.37
C PRO B 220 7.77 3.53 -23.94
N GLU B 221 8.01 2.68 -24.91
CA GLU B 221 7.11 1.63 -25.40
C GLU B 221 6.29 0.85 -24.35
N ILE B 222 6.90 0.49 -23.20
CA ILE B 222 6.18 -0.24 -22.13
C ILE B 222 5.24 0.72 -21.40
N ASN B 223 5.73 1.95 -21.24
CA ASN B 223 4.96 3.00 -20.62
C ASN B 223 3.74 3.38 -21.47
N GLU B 224 3.99 3.51 -22.77
CA GLU B 224 2.92 3.65 -23.78
C GLU B 224 1.82 2.59 -23.65
N VAL B 225 2.19 1.32 -23.52
CA VAL B 225 1.15 0.30 -23.24
C VAL B 225 0.45 0.56 -21.90
N TYR B 226 1.24 0.86 -20.87
CA TYR B 226 0.73 1.09 -19.53
C TYR B 226 -0.24 2.29 -19.56
N ARG B 227 0.19 3.40 -20.19
CA ARG B 227 -0.66 4.59 -20.34
C ARG B 227 -1.95 4.32 -21.14
N PHE B 228 -1.84 3.61 -22.25
CA PHE B 228 -3.05 3.26 -23.01
C PHE B 228 -4.07 2.48 -22.18
N VAL B 229 -3.62 1.49 -21.41
CA VAL B 229 -4.54 0.68 -20.56
C VAL B 229 -5.30 1.53 -19.53
N GLU B 230 -4.58 2.49 -18.93
CA GLU B 230 -5.16 3.51 -18.03
C GLU B 230 -6.23 4.34 -18.73
N TYR B 231 -5.89 4.84 -19.92
CA TYR B 231 -6.83 5.60 -20.76
C TYR B 231 -8.13 4.81 -21.01
N LEU B 232 -8.02 3.48 -21.12
CA LEU B 232 -9.19 2.63 -21.35
C LEU B 232 -10.03 2.46 -20.09
N GLY B 233 -9.51 2.92 -18.96
CA GLY B 233 -10.24 2.83 -17.70
C GLY B 233 -9.94 1.59 -16.88
N PHE B 234 -8.79 0.97 -17.12
CA PHE B 234 -8.34 -0.13 -16.27
C PHE B 234 -7.04 0.22 -15.57
N LYS B 235 -6.83 -0.37 -14.39
CA LYS B 235 -5.55 -0.32 -13.71
C LYS B 235 -4.61 -1.39 -14.30
N PRO B 236 -3.54 -0.94 -14.96
CA PRO B 236 -2.48 -1.81 -15.44
C PRO B 236 -1.46 -2.20 -14.34
N PHE B 237 -0.76 -3.30 -14.59
CA PHE B 237 0.26 -3.89 -13.71
C PHE B 237 1.27 -4.47 -14.67
N VAL B 238 2.49 -4.67 -14.20
CA VAL B 238 3.60 -5.09 -15.03
C VAL B 238 4.08 -6.42 -14.45
N SER B 239 4.36 -7.40 -15.33
CA SER B 239 4.85 -8.72 -14.90
C SER B 239 6.37 -8.79 -15.05
N GLY B 240 6.99 -9.59 -14.18
CA GLY B 240 8.46 -9.69 -14.13
C GLY B 240 9.09 -8.31 -14.12
N SER B 241 10.11 -8.14 -14.95
CA SER B 241 10.67 -6.83 -15.22
C SER B 241 10.18 -6.27 -16.57
N GLY B 242 8.92 -6.51 -16.90
CA GLY B 242 8.41 -6.13 -18.21
C GLY B 242 8.71 -7.29 -19.15
N SER B 243 8.11 -7.30 -20.34
CA SER B 243 7.44 -6.18 -21.00
C SER B 243 5.95 -6.14 -20.76
N THR B 244 5.38 -7.27 -20.34
CA THR B 244 3.95 -7.43 -20.35
C THR B 244 3.29 -6.53 -19.31
N VAL B 245 2.27 -5.82 -19.80
CA VAL B 245 1.28 -5.13 -18.97
C VAL B 245 0.03 -6.01 -18.94
N TYR B 246 -0.57 -6.19 -17.77
CA TYR B 246 -1.83 -6.91 -17.67
C TYR B 246 -2.84 -6.10 -16.87
N PHE B 247 -4.10 -6.45 -17.05
CA PHE B 247 -5.17 -5.81 -16.29
C PHE B 247 -6.25 -6.83 -16.07
N PHE B 248 -7.07 -6.59 -15.06
CA PHE B 248 -8.15 -7.50 -14.73
C PHE B 248 -9.45 -7.11 -15.48
N GLY B 249 -9.51 -7.50 -16.75
CA GLY B 249 -10.69 -7.25 -17.57
C GLY B 249 -10.49 -7.78 -18.97
N GLY B 250 -11.53 -7.67 -19.79
CA GLY B 250 -11.46 -8.18 -21.15
C GLY B 250 -10.89 -7.18 -22.14
N ALA B 251 -10.49 -7.73 -23.28
CA ALA B 251 -10.00 -6.93 -24.36
C ALA B 251 -11.22 -6.35 -25.10
N SER B 252 -11.20 -5.03 -25.29
CA SER B 252 -12.24 -4.36 -26.06
C SER B 252 -11.82 -4.30 -27.54
N GLU B 253 -12.78 -4.06 -28.43
CA GLU B 253 -12.44 -3.79 -29.84
C GLU B 253 -11.47 -2.62 -29.94
N GLU B 254 -11.73 -1.56 -29.17
CA GLU B 254 -10.83 -0.39 -29.17
C GLU B 254 -9.35 -0.76 -28.88
N LEU B 255 -9.14 -1.62 -27.89
CA LEU B 255 -7.80 -2.12 -27.54
C LEU B 255 -7.23 -2.98 -28.67
N LYS B 256 -8.03 -3.94 -29.14
CA LYS B 256 -7.57 -4.89 -30.15
C LYS B 256 -7.08 -4.21 -31.40
N LYS B 257 -7.79 -3.14 -31.78
CA LYS B 257 -7.46 -2.36 -32.96
C LYS B 257 -6.17 -1.56 -32.81
N ALA B 258 -6.06 -0.78 -31.72
CA ALA B 258 -4.82 -0.02 -31.44
C ALA B 258 -3.61 -0.93 -31.27
N ALA B 259 -3.84 -2.14 -30.77
CA ALA B 259 -2.79 -3.17 -30.61
C ALA B 259 -2.29 -3.63 -31.97
N LYS B 260 -3.21 -3.99 -32.87
CA LYS B 260 -2.85 -4.43 -34.23
C LYS B 260 -2.07 -3.36 -34.97
N MET B 261 -2.43 -2.11 -34.73
CA MET B 261 -1.77 -0.99 -35.35
C MET B 261 -0.39 -0.75 -34.79
N ARG B 262 -0.28 -0.81 -33.47
CA ARG B 262 0.97 -0.38 -32.82
C ARG B 262 1.92 -1.57 -32.66
N GLY B 263 1.40 -2.75 -33.00
CA GLY B 263 2.12 -3.99 -32.97
C GLY B 263 2.29 -4.44 -31.54
N TRP B 264 1.17 -4.78 -30.89
CA TRP B 264 1.17 -5.32 -29.53
C TRP B 264 0.44 -6.62 -29.59
N LYS B 265 1.01 -7.65 -28.97
CA LYS B 265 0.31 -8.92 -28.83
C LYS B 265 -0.68 -8.72 -27.71
N VAL B 266 -1.89 -9.21 -27.89
CA VAL B 266 -2.93 -9.08 -26.90
C VAL B 266 -3.36 -10.49 -26.64
N VAL B 267 -3.34 -10.88 -25.36
CA VAL B 267 -3.63 -12.24 -24.97
C VAL B 267 -4.69 -12.15 -23.94
N GLU B 268 -5.82 -12.81 -24.19
CA GLU B 268 -6.91 -12.78 -23.25
C GLU B 268 -6.97 -14.13 -22.63
N LEU B 269 -7.07 -14.12 -21.31
CA LEU B 269 -7.05 -15.32 -20.52
C LEU B 269 -8.19 -15.19 -19.56
N GLU B 270 -8.51 -16.30 -18.93
CA GLU B 270 -9.52 -16.31 -17.91
C GLU B 270 -9.12 -17.37 -16.87
N LEU B 271 -9.14 -16.97 -15.60
CA LEU B 271 -8.83 -17.85 -14.47
C LEU B 271 -10.07 -18.28 -13.72
#